data_4S3N
#
_entry.id   4S3N
#
_cell.length_a   48.700
_cell.length_b   104.700
_cell.length_c   63.800
_cell.angle_alpha   90.00
_cell.angle_beta   97.8
_cell.angle_gamma   90.00
#
_symmetry.space_group_name_H-M   'P 1 21 1'
#
loop_
_entity.id
_entity.type
_entity.pdbx_description
1 polymer "2'-5'-oligoadenylate synthase 3"
2 polymer "RNA (5'-R(*GP*GP*CP*UP*UP*UP*UP*GP*AP*CP*CP*UP*UP*UP*AP*UP*GP*AP*A)-3')"
3 polymer "RNA (5'-R(*UP*UP*CP*AP*UP*AP*AP*AP*GP*GP*UP*CP*AP*AP*AP*AP*GP*CP*C)-3')"
4 water water
#
loop_
_entity_poly.entity_id
_entity_poly.type
_entity_poly.pdbx_seq_one_letter_code
_entity_poly.pdbx_strand_id
1 'polypeptide(L)'
;GPMDLYSTPAAALDRFVARKLQPRKEFVEKARRALGALAAALRERGGRLGAAAPRVLKTVKGGSSGRGTALKGGCDSELV
IFLDCFKSYVDQRARRAEILSEMRASLESWWQNPVPGLRLTFPEQSVPGALQFRLTSVDLEDWMDVSLVPAFNVLGQAGS
GVKPKPQVYSTLLNSGCQGGEHAACFTELRRNFVNIRPAKLKNLILLVKHWYHQVCLQGLWKETLPPVYALELLTIFAWE
QGCKKDAFSLAEGLRTVLGLIQQHQHLCVFWTVNYGFEDPAVGQFLQRQLKRPRPVILDPADPTWDLGNGAAWHWDLLAQ
EAASCYDHPCFLRGMGDPVQSWKGPGLPRAGCSGLGHPIQLDPNQKTPENSKS
;
A
2 'polyribonucleotide' GGCUUUUGACCUUUAUGAA B
3 'polyribonucleotide' UUCAUAAAGGUCAAAAGCC C
#
# COMPACT_ATOMS: atom_id res chain seq x y z
N MET A 3 13.05 14.01 -14.76
CA MET A 3 12.97 13.91 -13.29
C MET A 3 14.29 14.25 -12.61
N ASP A 4 14.22 14.66 -11.34
CA ASP A 4 15.43 14.77 -10.55
C ASP A 4 15.93 13.35 -10.28
N LEU A 5 14.98 12.42 -10.15
CA LEU A 5 15.32 11.01 -9.99
C LEU A 5 16.17 10.54 -11.17
N TYR A 6 15.69 10.76 -12.39
CA TYR A 6 16.43 10.35 -13.58
C TYR A 6 17.84 10.92 -13.68
N SER A 7 18.00 12.19 -13.33
CA SER A 7 19.29 12.87 -13.46
C SER A 7 20.26 12.48 -12.36
N THR A 8 19.77 11.83 -11.31
CA THR A 8 20.62 11.40 -10.20
C THR A 8 21.38 10.14 -10.60
N PRO A 9 22.72 10.17 -10.53
CA PRO A 9 23.49 8.96 -10.86
C PRO A 9 23.12 7.80 -9.94
N ALA A 10 23.20 6.58 -10.48
CA ALA A 10 22.81 5.40 -9.71
C ALA A 10 23.49 5.35 -8.35
N ALA A 11 24.76 5.73 -8.31
CA ALA A 11 25.52 5.73 -7.07
C ALA A 11 25.07 6.77 -6.04
N ALA A 12 24.25 7.75 -6.46
CA ALA A 12 23.79 8.80 -5.54
C ALA A 12 22.33 8.61 -5.10
N LEU A 13 21.79 7.43 -5.35
CA LEU A 13 20.36 7.19 -5.12
C LEU A 13 20.01 7.14 -3.62
N ASP A 14 20.90 6.59 -2.81
CA ASP A 14 20.65 6.51 -1.38
C ASP A 14 20.58 7.91 -0.78
N ARG A 15 21.38 8.82 -1.33
CA ARG A 15 21.39 10.21 -0.89
C ARG A 15 20.11 10.93 -1.33
N PHE A 16 19.65 10.62 -2.52
CA PHE A 16 18.39 11.14 -3.01
C PHE A 16 17.23 10.71 -2.10
N VAL A 17 17.17 9.41 -1.78
CA VAL A 17 16.12 8.90 -0.89
C VAL A 17 16.17 9.64 0.46
N ALA A 18 17.36 9.68 1.06
CA ALA A 18 17.53 10.33 2.35
C ALA A 18 17.14 11.82 2.32
N ARG A 19 17.47 12.52 1.24
CA ARG A 19 17.32 13.96 1.19
C ARG A 19 15.97 14.45 0.67
N LYS A 20 15.37 13.67 -0.24
CA LYS A 20 14.15 14.10 -0.91
C LYS A 20 12.92 13.25 -0.59
N LEU A 21 13.11 11.98 -0.24
CA LEU A 21 11.97 11.05 -0.09
C LEU A 21 11.56 10.72 1.35
N GLN A 22 12.52 10.62 2.26
CA GLN A 22 12.19 10.27 3.65
C GLN A 22 11.38 11.39 4.29
N PRO A 23 10.27 11.04 4.98
CA PRO A 23 9.38 12.06 5.55
C PRO A 23 10.08 12.96 6.56
N ARG A 24 9.57 14.19 6.72
CA ARG A 24 10.10 15.10 7.72
C ARG A 24 9.73 14.64 9.12
N LYS A 25 10.74 14.44 9.96
CA LYS A 25 10.57 13.93 11.32
C LYS A 25 9.54 14.76 12.09
N GLU A 26 9.66 16.08 11.96
CA GLU A 26 8.80 17.02 12.66
C GLU A 26 7.34 16.86 12.26
N PHE A 27 7.09 16.67 10.97
CA PHE A 27 5.73 16.52 10.50
C PHE A 27 5.15 15.17 10.90
N VAL A 28 5.98 14.13 10.77
CA VAL A 28 5.55 12.79 11.16
C VAL A 28 5.09 12.78 12.62
N GLU A 29 5.88 13.38 13.50
CA GLU A 29 5.53 13.45 14.92
C GLU A 29 4.26 14.25 15.18
N LYS A 30 4.13 15.41 14.55
CA LYS A 30 2.91 16.21 14.69
C LYS A 30 1.68 15.44 14.21
N ALA A 31 1.85 14.66 13.14
CA ALA A 31 0.76 13.88 12.60
C ALA A 31 0.41 12.74 13.54
N ARG A 32 1.45 12.16 14.13
CA ARG A 32 1.30 11.00 15.00
C ARG A 32 0.53 11.38 16.25
N ARG A 33 0.89 12.50 16.84
CA ARG A 33 0.21 12.95 18.05
C ARG A 33 -1.21 13.43 17.75
N ALA A 34 -1.41 13.95 16.55
CA ALA A 34 -2.74 14.36 16.12
C ALA A 34 -3.67 13.16 16.03
N LEU A 35 -3.24 12.12 15.32
CA LEU A 35 -4.05 10.92 15.17
C LEU A 35 -4.19 10.17 16.49
N GLY A 36 -3.16 10.27 17.33
CA GLY A 36 -3.24 9.70 18.67
C GLY A 36 -4.33 10.37 19.48
N ALA A 37 -4.44 11.69 19.36
CA ALA A 37 -5.45 12.47 20.07
C ALA A 37 -6.85 12.23 19.51
N LEU A 38 -6.94 11.99 18.21
CA LEU A 38 -8.22 11.68 17.57
C LEU A 38 -8.70 10.31 18.04
N ALA A 39 -7.79 9.32 18.04
CA ALA A 39 -8.10 7.99 18.56
C ALA A 39 -8.54 8.09 20.02
N ALA A 40 -7.88 8.97 20.77
CA ALA A 40 -8.23 9.19 22.16
C ALA A 40 -9.65 9.73 22.28
N ALA A 41 -9.98 10.71 21.45
CA ALA A 41 -11.32 11.32 21.50
C ALA A 41 -12.39 10.33 21.08
N LEU A 42 -12.07 9.47 20.11
CA LEU A 42 -13.04 8.51 19.61
C LEU A 42 -13.36 7.44 20.65
N ARG A 43 -12.33 6.94 21.33
CA ARG A 43 -12.51 5.84 22.28
C ARG A 43 -13.17 6.32 23.58
N GLU A 44 -12.91 7.57 23.94
CA GLU A 44 -13.49 8.16 25.13
C GLU A 44 -14.92 8.65 24.89
N ARG A 45 -15.38 8.47 23.66
CA ARG A 45 -16.73 8.79 23.22
C ARG A 45 -16.94 10.28 23.03
N PRO A 54 -21.68 2.59 20.86
CA PRO A 54 -20.65 1.75 20.25
C PRO A 54 -19.27 1.92 20.90
N ARG A 55 -18.76 0.87 21.53
CA ARG A 55 -17.42 0.92 22.12
C ARG A 55 -16.30 0.74 21.09
N VAL A 56 -15.20 1.45 21.28
CA VAL A 56 -14.01 1.27 20.46
C VAL A 56 -13.11 0.17 21.03
N LEU A 57 -12.97 -0.91 20.28
CA LEU A 57 -12.21 -2.07 20.72
C LEU A 57 -10.71 -1.83 20.53
N LYS A 58 -10.38 -1.09 19.47
CA LYS A 58 -9.04 -1.08 18.93
C LYS A 58 -9.01 -0.02 17.82
N THR A 59 -7.94 0.77 17.78
CA THR A 59 -7.68 1.68 16.66
C THR A 59 -6.30 1.39 16.08
N VAL A 60 -6.25 1.05 14.79
CA VAL A 60 -4.98 0.69 14.18
C VAL A 60 -4.65 1.59 12.99
N LYS A 61 -3.37 1.79 12.73
CA LYS A 61 -2.92 2.68 11.65
C LYS A 61 -2.54 1.90 10.40
N GLY A 62 -3.12 2.30 9.28
CA GLY A 62 -2.85 1.69 8.00
C GLY A 62 -2.50 2.77 7.00
N GLY A 63 -2.72 2.51 5.72
CA GLY A 63 -2.31 3.44 4.68
C GLY A 63 -0.79 3.45 4.55
N SER A 64 -0.25 4.31 3.67
CA SER A 64 1.20 4.36 3.50
C SER A 64 1.86 4.67 4.83
N SER A 65 1.32 5.64 5.57
CA SER A 65 1.90 5.98 6.85
C SER A 65 2.00 4.77 7.80
N GLY A 66 0.90 4.02 7.95
CA GLY A 66 0.92 2.86 8.82
C GLY A 66 1.79 1.74 8.25
N ARG A 67 1.84 1.62 6.93
CA ARG A 67 2.68 0.60 6.30
C ARG A 67 4.17 0.92 6.36
N GLY A 68 4.50 2.13 6.82
CA GLY A 68 5.90 2.58 6.86
C GLY A 68 6.42 3.13 5.54
N THR A 69 5.52 3.33 4.59
CA THR A 69 5.92 3.74 3.24
C THR A 69 5.49 5.18 2.87
N ALA A 70 5.34 6.04 3.87
CA ALA A 70 4.99 7.43 3.58
C ALA A 70 6.20 8.20 3.03
N LEU A 71 5.93 9.04 2.03
CA LEU A 71 6.94 9.95 1.48
C LEU A 71 6.83 11.36 2.04
N LYS A 72 7.95 12.07 2.02
CA LYS A 72 7.99 13.48 2.35
C LYS A 72 7.08 14.26 1.39
N GLY A 73 6.48 15.32 1.92
CA GLY A 73 5.65 16.21 1.13
C GLY A 73 4.40 15.58 0.55
N GLY A 74 3.49 15.16 1.41
CA GLY A 74 2.26 14.53 0.91
C GLY A 74 2.19 13.02 1.04
N CYS A 75 1.27 12.54 1.87
CA CYS A 75 1.13 11.09 2.06
C CYS A 75 -0.29 10.75 2.48
N ASP A 76 -0.61 9.46 2.60
CA ASP A 76 -1.91 9.06 3.12
C ASP A 76 -1.77 8.23 4.40
N SER A 77 -2.86 8.15 5.15
CA SER A 77 -2.90 7.34 6.35
C SER A 77 -4.30 6.80 6.51
N GLU A 78 -4.43 5.61 7.05
CA GLU A 78 -5.75 5.11 7.39
C GLU A 78 -5.82 4.87 8.88
N LEU A 79 -6.85 5.40 9.53
CA LEU A 79 -7.05 5.14 10.95
C LEU A 79 -8.30 4.28 11.04
N VAL A 80 -8.10 3.00 11.36
CA VAL A 80 -9.17 2.02 11.39
C VAL A 80 -9.72 1.94 12.80
N ILE A 81 -11.02 2.16 12.93
CA ILE A 81 -11.66 2.17 14.21
C ILE A 81 -12.52 0.93 14.36
N PHE A 82 -12.04 -0.03 15.15
CA PHE A 82 -12.79 -1.27 15.34
C PHE A 82 -13.90 -1.07 16.38
N LEU A 83 -15.15 -1.27 15.96
CA LEU A 83 -16.33 -1.02 16.82
C LEU A 83 -17.03 -2.29 17.27
N ASP A 84 -17.50 -2.33 18.52
CA ASP A 84 -18.11 -3.55 19.03
C ASP A 84 -19.56 -3.75 18.58
N CYS A 85 -20.08 -2.80 17.81
CA CYS A 85 -21.44 -2.90 17.30
C CYS A 85 -21.50 -3.75 16.03
N PHE A 86 -20.33 -4.00 15.40
CA PHE A 86 -20.26 -4.89 14.26
C PHE A 86 -20.02 -6.32 14.70
N LYS A 87 -20.85 -7.26 14.26
CA LYS A 87 -20.65 -8.68 14.60
C LYS A 87 -20.53 -9.60 13.39
N SER A 88 -20.77 -9.03 12.20
CA SER A 88 -20.71 -9.72 10.92
C SER A 88 -20.06 -8.72 9.97
N TYR A 89 -19.45 -9.20 8.90
CA TYR A 89 -18.86 -8.26 7.91
C TYR A 89 -19.92 -7.36 7.30
N VAL A 90 -21.07 -7.94 6.95
CA VAL A 90 -22.11 -7.18 6.26
C VAL A 90 -22.65 -6.01 7.09
N ASP A 91 -22.42 -6.01 8.40
CA ASP A 91 -22.86 -4.90 9.26
C ASP A 91 -22.21 -3.56 8.90
N GLN A 92 -20.93 -3.59 8.51
CA GLN A 92 -20.19 -2.38 8.14
C GLN A 92 -20.90 -1.66 7.01
N ARG A 93 -21.52 -2.43 6.14
CA ARG A 93 -22.22 -1.90 4.99
C ARG A 93 -23.56 -1.41 5.48
N ALA A 94 -24.17 -2.18 6.37
CA ALA A 94 -25.45 -1.81 6.95
C ALA A 94 -25.32 -0.57 7.82
N ARG A 95 -24.46 -0.65 8.84
CA ARG A 95 -24.19 0.51 9.68
C ARG A 95 -23.03 1.30 9.07
N ARG A 96 -23.36 2.17 8.12
CA ARG A 96 -22.33 2.94 7.42
C ARG A 96 -22.57 4.43 7.58
N ALA A 97 -23.72 4.90 7.10
CA ALA A 97 -24.06 6.33 7.15
C ALA A 97 -24.18 6.86 8.58
N GLU A 98 -24.77 6.05 9.47
CA GLU A 98 -24.98 6.50 10.83
C GLU A 98 -23.69 6.50 11.65
N ILE A 99 -22.87 5.46 11.48
CA ILE A 99 -21.57 5.44 12.17
C ILE A 99 -20.70 6.62 11.71
N LEU A 100 -20.55 6.77 10.41
CA LEU A 100 -19.76 7.86 9.86
C LEU A 100 -20.30 9.23 10.29
N SER A 101 -21.61 9.28 10.51
CA SER A 101 -22.22 10.49 11.03
C SER A 101 -21.68 10.84 12.42
N GLU A 102 -21.58 9.84 13.29
CA GLU A 102 -21.08 10.05 14.65
C GLU A 102 -19.60 10.46 14.63
N MET A 103 -18.85 9.85 13.72
CA MET A 103 -17.42 10.16 13.61
C MET A 103 -17.18 11.60 13.18
N ARG A 104 -18.09 12.15 12.39
CA ARG A 104 -17.98 13.54 11.96
C ARG A 104 -18.15 14.48 13.16
N ALA A 105 -19.08 14.14 14.06
CA ALA A 105 -19.29 14.92 15.28
C ALA A 105 -18.07 14.84 16.19
N SER A 106 -17.49 13.63 16.29
CA SER A 106 -16.28 13.39 17.08
C SER A 106 -15.08 14.18 16.56
N LEU A 107 -14.95 14.28 15.25
CA LEU A 107 -13.87 15.00 14.63
C LEU A 107 -13.99 16.47 15.00
N GLU A 108 -15.23 16.98 15.02
CA GLU A 108 -15.44 18.38 15.40
C GLU A 108 -15.05 18.64 16.85
N SER A 109 -15.43 17.73 17.74
CA SER A 109 -15.05 17.83 19.15
C SER A 109 -13.54 17.78 19.28
N TRP A 110 -12.94 16.79 18.62
CA TRP A 110 -11.51 16.60 18.72
C TRP A 110 -10.77 17.87 18.33
N TRP A 111 -11.19 18.48 17.22
CA TRP A 111 -10.47 19.63 16.68
C TRP A 111 -10.64 20.93 17.48
N GLN A 112 -11.47 20.90 18.51
CA GLN A 112 -11.59 22.08 19.36
C GLN A 112 -10.32 22.30 20.18
N ASN A 113 -9.53 21.23 20.33
CA ASN A 113 -8.17 21.30 20.85
C ASN A 113 -7.19 20.89 19.76
N PRO A 114 -6.87 21.83 18.85
CA PRO A 114 -6.11 21.49 17.65
C PRO A 114 -4.61 21.30 17.91
N VAL A 115 -4.00 20.35 17.21
CA VAL A 115 -2.56 20.22 17.24
C VAL A 115 -1.96 21.44 16.55
N PRO A 116 -1.11 22.19 17.27
CA PRO A 116 -0.63 23.54 16.93
C PRO A 116 -0.09 23.77 15.50
N GLY A 117 0.58 22.80 14.89
CA GLY A 117 1.22 23.03 13.61
C GLY A 117 0.49 22.56 12.36
N LEU A 118 -0.82 22.34 12.46
CA LEU A 118 -1.59 21.68 11.39
C LEU A 118 -2.91 22.40 11.03
N ARG A 119 -3.23 22.43 9.73
CA ARG A 119 -4.53 22.88 9.24
C ARG A 119 -5.40 21.69 8.84
N LEU A 120 -6.65 21.66 9.32
CA LEU A 120 -7.60 20.60 8.98
C LEU A 120 -8.47 20.97 7.80
N THR A 121 -8.49 20.15 6.76
CA THR A 121 -9.35 20.40 5.60
C THR A 121 -10.05 19.13 5.13
N PHE A 122 -11.08 19.29 4.31
CA PHE A 122 -11.83 18.14 3.81
C PHE A 122 -11.92 18.17 2.29
N PRO A 123 -11.56 17.05 1.64
CA PRO A 123 -11.80 16.90 0.20
C PRO A 123 -13.26 16.50 0.04
N GLU A 124 -13.69 16.24 -1.17
CA GLU A 124 -15.01 15.64 -1.34
C GLU A 124 -14.94 14.18 -0.92
N GLN A 125 -15.98 13.70 -0.26
CA GLN A 125 -15.98 12.32 0.21
C GLN A 125 -16.09 11.35 -0.97
N SER A 126 -14.93 10.85 -1.40
CA SER A 126 -14.85 9.93 -2.53
C SER A 126 -15.14 8.48 -2.14
N VAL A 127 -14.83 8.13 -0.89
CA VAL A 127 -14.89 6.74 -0.47
C VAL A 127 -16.06 6.46 0.48
N PRO A 128 -17.02 5.65 0.01
CA PRO A 128 -18.09 5.18 0.90
C PRO A 128 -17.44 4.36 2.02
N GLY A 129 -17.96 4.48 3.23
CA GLY A 129 -17.42 3.75 4.36
C GLY A 129 -16.20 4.42 4.98
N ALA A 130 -15.93 5.65 4.58
CA ALA A 130 -14.78 6.37 5.14
C ALA A 130 -15.07 7.85 5.31
N LEU A 131 -14.53 8.43 6.38
CA LEU A 131 -14.50 9.88 6.53
C LEU A 131 -13.09 10.38 6.22
N GLN A 132 -12.96 11.09 5.10
CA GLN A 132 -11.65 11.55 4.68
C GLN A 132 -11.45 13.02 5.02
N PHE A 133 -10.24 13.33 5.48
CA PHE A 133 -9.87 14.71 5.78
C PHE A 133 -8.37 14.83 5.61
N ARG A 134 -7.88 16.06 5.56
CA ARG A 134 -6.45 16.25 5.41
C ARG A 134 -5.86 17.11 6.52
N LEU A 135 -4.68 16.72 6.98
CA LEU A 135 -3.89 17.55 7.88
C LEU A 135 -2.68 18.07 7.11
N THR A 136 -2.62 19.39 6.92
CA THR A 136 -1.53 20.02 6.20
C THR A 136 -0.70 20.89 7.14
N SER A 137 0.62 20.90 6.96
CA SER A 137 1.46 21.79 7.74
C SER A 137 1.25 23.27 7.37
N VAL A 138 1.64 24.15 8.26
CA VAL A 138 1.59 25.58 7.95
C VAL A 138 2.50 25.94 6.77
N ASP A 139 3.41 25.03 6.42
CA ASP A 139 4.55 25.30 5.54
C ASP A 139 4.38 25.85 4.11
N LEU A 140 3.52 25.28 3.25
CA LEU A 140 2.68 24.10 3.43
C LEU A 140 3.34 22.91 2.71
N GLU A 141 4.48 22.48 3.21
CA GLU A 141 5.30 21.53 2.48
C GLU A 141 4.95 20.06 2.73
N ASP A 142 4.12 19.81 3.74
CA ASP A 142 3.75 18.44 4.06
C ASP A 142 2.28 18.30 4.38
N TRP A 143 1.69 17.18 4.00
CA TRP A 143 0.29 16.94 4.33
C TRP A 143 -0.01 15.47 4.40
N MET A 144 -1.10 15.13 5.08
CA MET A 144 -1.50 13.73 5.25
C MET A 144 -2.97 13.62 4.94
N ASP A 145 -3.30 12.83 3.93
CA ASP A 145 -4.70 12.54 3.65
C ASP A 145 -5.16 11.39 4.50
N VAL A 146 -5.97 11.67 5.52
CA VAL A 146 -6.42 10.64 6.46
C VAL A 146 -7.76 10.02 6.06
N SER A 147 -7.86 8.70 6.10
CA SER A 147 -9.14 8.02 5.93
C SER A 147 -9.53 7.35 7.24
N LEU A 148 -10.62 7.83 7.83
CA LEU A 148 -11.11 7.29 9.09
C LEU A 148 -12.14 6.19 8.77
N VAL A 149 -11.85 4.96 9.15
CA VAL A 149 -12.63 3.83 8.67
C VAL A 149 -13.07 2.90 9.81
N PRO A 150 -14.39 2.84 10.06
CA PRO A 150 -14.96 1.91 11.04
C PRO A 150 -14.86 0.50 10.47
N ALA A 151 -14.62 -0.51 11.30
CA ALA A 151 -14.50 -1.87 10.78
C ALA A 151 -14.85 -2.91 11.82
N PHE A 152 -15.12 -4.12 11.33
CA PHE A 152 -15.44 -5.28 12.12
C PHE A 152 -14.14 -5.98 12.50
N ASN A 153 -13.97 -6.25 13.79
CA ASN A 153 -12.73 -6.84 14.27
C ASN A 153 -12.74 -8.37 14.13
N VAL A 154 -12.68 -8.88 12.92
CA VAL A 154 -12.76 -10.33 12.71
C VAL A 154 -11.51 -11.04 13.24
N LEU A 155 -10.39 -10.31 13.34
CA LEU A 155 -9.14 -10.89 13.83
C LEU A 155 -9.03 -11.03 15.37
N GLY A 156 -9.98 -10.46 16.12
CA GLY A 156 -9.93 -10.56 17.58
C GLY A 156 -8.68 -9.92 18.13
N GLN A 157 -7.92 -10.65 18.94
CA GLN A 157 -6.68 -10.12 19.52
C GLN A 157 -5.41 -10.81 19.02
N VAL A 162 0.44 -14.02 13.95
CA VAL A 162 -0.49 -15.14 13.97
C VAL A 162 -1.25 -15.23 12.64
N LYS A 163 -1.13 -16.38 11.95
CA LYS A 163 -1.93 -16.63 10.76
C LYS A 163 -3.38 -16.78 11.18
N PRO A 164 -4.28 -16.02 10.53
CA PRO A 164 -5.72 -16.11 10.84
C PRO A 164 -6.25 -17.53 10.57
N LYS A 165 -7.22 -17.96 11.38
CA LYS A 165 -7.97 -19.18 11.09
C LYS A 165 -8.64 -18.99 9.74
N PRO A 166 -8.70 -20.05 8.92
CA PRO A 166 -9.28 -19.92 7.58
C PRO A 166 -10.75 -19.48 7.60
N GLN A 167 -11.44 -19.76 8.71
CA GLN A 167 -12.82 -19.35 8.88
C GLN A 167 -12.98 -17.83 8.71
N VAL A 168 -11.94 -17.08 9.09
CA VAL A 168 -11.93 -15.63 8.94
C VAL A 168 -12.20 -15.24 7.49
N TYR A 169 -11.59 -15.98 6.57
CA TYR A 169 -11.71 -15.67 5.14
C TYR A 169 -12.87 -16.41 4.45
N SER A 170 -13.24 -17.59 4.91
CA SER A 170 -14.41 -18.26 4.34
C SER A 170 -15.68 -17.47 4.69
N THR A 171 -15.74 -16.95 5.91
CA THR A 171 -16.84 -16.07 6.27
C THR A 171 -16.85 -14.80 5.43
N LEU A 172 -15.66 -14.25 5.13
CA LEU A 172 -15.56 -13.09 4.25
C LEU A 172 -16.18 -13.37 2.88
N LEU A 173 -15.90 -14.56 2.35
CA LEU A 173 -16.44 -14.96 1.06
C LEU A 173 -17.96 -15.10 1.11
N ASN A 174 -18.48 -15.57 2.23
CA ASN A 174 -19.92 -15.74 2.38
C ASN A 174 -20.65 -14.39 2.50
N SER A 175 -19.91 -13.35 2.82
CA SER A 175 -20.47 -12.01 2.95
C SER A 175 -20.91 -11.43 1.61
N GLY A 176 -20.45 -12.04 0.51
CA GLY A 176 -20.79 -11.56 -0.82
C GLY A 176 -20.19 -10.19 -1.14
N CYS A 177 -19.13 -9.84 -0.43
CA CYS A 177 -18.58 -8.50 -0.54
C CYS A 177 -17.87 -8.26 -1.87
N GLN A 178 -17.72 -6.99 -2.23
CA GLN A 178 -16.87 -6.59 -3.36
C GLN A 178 -15.42 -6.84 -2.99
N GLY A 179 -14.54 -6.87 -4.00
CA GLY A 179 -13.11 -7.08 -3.74
C GLY A 179 -12.48 -6.02 -2.86
N GLY A 180 -11.80 -6.45 -1.80
CA GLY A 180 -11.20 -5.51 -0.87
C GLY A 180 -12.17 -4.62 -0.10
N GLU A 181 -13.46 -4.93 -0.17
CA GLU A 181 -14.46 -4.12 0.53
C GLU A 181 -14.20 -4.12 2.04
N HIS A 182 -13.66 -5.20 2.58
CA HIS A 182 -13.35 -5.25 4.01
C HIS A 182 -11.85 -5.27 4.30
N ALA A 183 -11.08 -4.67 3.40
CA ALA A 183 -9.63 -4.62 3.52
C ALA A 183 -9.19 -4.05 4.87
N ALA A 184 -9.95 -3.09 5.40
CA ALA A 184 -9.59 -2.45 6.68
C ALA A 184 -9.54 -3.43 7.87
N CYS A 185 -10.38 -4.46 7.84
CA CYS A 185 -10.38 -5.48 8.88
C CYS A 185 -9.01 -6.12 9.08
N PHE A 186 -8.24 -6.18 8.00
CA PHE A 186 -6.96 -6.90 8.00
C PHE A 186 -5.77 -5.94 7.99
N THR A 187 -6.01 -4.69 8.39
CA THR A 187 -4.96 -3.69 8.37
C THR A 187 -3.73 -4.08 9.20
N GLU A 188 -3.95 -4.70 10.36
CA GLU A 188 -2.83 -5.16 11.17
C GLU A 188 -1.89 -6.11 10.40
N LEU A 189 -2.48 -6.96 9.58
CA LEU A 189 -1.70 -7.93 8.84
C LEU A 189 -0.98 -7.21 7.70
N ARG A 190 -1.67 -6.27 7.08
CA ARG A 190 -1.10 -5.56 5.94
C ARG A 190 0.08 -4.69 6.37
N ARG A 191 -0.07 -4.01 7.50
CA ARG A 191 0.97 -3.18 8.09
C ARG A 191 2.19 -4.00 8.49
N ASN A 192 1.96 -5.15 9.11
CA ASN A 192 3.06 -6.04 9.45
C ASN A 192 3.80 -6.58 8.22
N PHE A 193 3.06 -6.88 7.16
CA PHE A 193 3.68 -7.37 5.93
C PHE A 193 4.68 -6.39 5.32
N VAL A 194 4.34 -5.10 5.31
CA VAL A 194 5.17 -4.08 4.65
C VAL A 194 6.13 -3.39 5.62
N ASN A 195 5.65 -3.08 6.82
CA ASN A 195 6.44 -2.28 7.75
C ASN A 195 7.60 -3.03 8.39
N ILE A 196 7.40 -4.33 8.62
CA ILE A 196 8.41 -5.13 9.27
C ILE A 196 9.33 -5.74 8.21
N ARG A 197 10.14 -4.87 7.61
CA ARG A 197 11.04 -5.23 6.51
C ARG A 197 12.37 -4.51 6.68
N PRO A 198 13.46 -5.04 6.10
CA PRO A 198 14.76 -4.36 6.18
C PRO A 198 14.63 -2.92 5.72
N ALA A 199 15.29 -2.02 6.42
CA ALA A 199 15.17 -0.59 6.18
C ALA A 199 15.44 -0.22 4.71
N LYS A 200 16.43 -0.87 4.10
CA LYS A 200 16.78 -0.50 2.74
C LYS A 200 15.70 -0.94 1.75
N LEU A 201 15.04 -2.07 2.04
CA LEU A 201 13.89 -2.46 1.21
C LEU A 201 12.81 -1.36 1.25
N LYS A 202 12.61 -0.78 2.43
CA LYS A 202 11.60 0.27 2.54
C LYS A 202 12.06 1.55 1.83
N ASN A 203 13.36 1.81 1.83
CA ASN A 203 13.91 2.89 1.01
C ASN A 203 13.66 2.68 -0.48
N LEU A 204 13.78 1.44 -0.94
CA LEU A 204 13.53 1.12 -2.34
C LEU A 204 12.07 1.35 -2.67
N ILE A 205 11.18 0.95 -1.75
CA ILE A 205 9.75 1.18 -1.92
C ILE A 205 9.50 2.70 -2.12
N LEU A 206 10.12 3.53 -1.28
CA LEU A 206 9.96 4.99 -1.39
C LEU A 206 10.42 5.48 -2.77
N LEU A 207 11.53 4.91 -3.24
CA LEU A 207 12.08 5.29 -4.53
C LEU A 207 11.09 4.94 -5.66
N VAL A 208 10.55 3.73 -5.60
CA VAL A 208 9.57 3.26 -6.56
C VAL A 208 8.32 4.13 -6.54
N LYS A 209 7.78 4.40 -5.34
CA LYS A 209 6.58 5.24 -5.20
C LYS A 209 6.84 6.66 -5.71
N HIS A 210 8.05 7.17 -5.50
CA HIS A 210 8.38 8.49 -6.02
C HIS A 210 8.36 8.50 -7.54
N TRP A 211 8.95 7.47 -8.14
CA TRP A 211 8.95 7.31 -9.60
C TRP A 211 7.50 7.30 -10.12
N TYR A 212 6.66 6.52 -9.42
CA TYR A 212 5.25 6.40 -9.80
C TYR A 212 4.54 7.75 -9.72
N HIS A 213 4.82 8.47 -8.65
CA HIS A 213 4.20 9.78 -8.42
C HIS A 213 4.59 10.77 -9.53
N GLN A 214 5.86 10.77 -9.94
CA GLN A 214 6.29 11.68 -11.00
C GLN A 214 5.63 11.34 -12.35
N VAL A 215 5.51 10.04 -12.64
CA VAL A 215 4.75 9.57 -13.80
C VAL A 215 3.33 10.10 -13.79
N CYS A 216 2.69 10.01 -12.63
CA CYS A 216 1.31 10.47 -12.48
C CYS A 216 1.15 11.95 -12.77
N LEU A 217 2.06 12.78 -12.25
CA LEU A 217 2.02 14.22 -12.45
C LEU A 217 2.12 14.61 -13.92
N GLN A 218 3.00 13.92 -14.64
CA GLN A 218 3.21 14.21 -16.05
C GLN A 218 2.28 13.40 -16.95
N GLU A 223 -5.42 9.97 -15.28
CA GLU A 223 -5.69 9.23 -14.04
C GLU A 223 -5.85 7.73 -14.27
N THR A 224 -6.71 7.11 -13.46
CA THR A 224 -7.03 5.66 -13.48
C THR A 224 -5.81 4.72 -13.56
N LEU A 225 -4.80 5.03 -12.77
CA LEU A 225 -3.63 4.19 -12.61
C LEU A 225 -3.82 3.26 -11.40
N PRO A 226 -3.00 2.19 -11.31
CA PRO A 226 -3.06 1.26 -10.17
C PRO A 226 -2.82 1.95 -8.82
N PRO A 227 -3.45 1.46 -7.74
CA PRO A 227 -3.14 2.00 -6.41
C PRO A 227 -1.66 1.86 -6.09
N VAL A 228 -1.12 2.78 -5.31
CA VAL A 228 0.31 2.81 -5.00
C VAL A 228 0.73 1.56 -4.24
N TYR A 229 -0.21 1.01 -3.48
CA TYR A 229 0.02 -0.20 -2.72
C TYR A 229 0.44 -1.35 -3.67
N ALA A 230 -0.08 -1.36 -4.90
CA ALA A 230 0.28 -2.39 -5.88
C ALA A 230 1.79 -2.40 -6.15
N LEU A 231 2.38 -1.21 -6.22
CA LEU A 231 3.81 -1.07 -6.47
C LEU A 231 4.63 -1.36 -5.22
N GLU A 232 4.03 -1.18 -4.05
CA GLU A 232 4.72 -1.59 -2.83
C GLU A 232 4.88 -3.12 -2.83
N LEU A 233 3.80 -3.83 -3.18
CA LEU A 233 3.82 -5.31 -3.25
C LEU A 233 4.78 -5.81 -4.32
N LEU A 234 4.74 -5.17 -5.48
CA LEU A 234 5.62 -5.55 -6.58
C LEU A 234 7.09 -5.36 -6.19
N THR A 235 7.36 -4.32 -5.41
CA THR A 235 8.72 -4.08 -4.94
C THR A 235 9.15 -5.16 -3.96
N ILE A 236 8.24 -5.54 -3.06
CA ILE A 236 8.54 -6.60 -2.12
C ILE A 236 8.75 -7.91 -2.89
N PHE A 237 7.94 -8.15 -3.93
CA PHE A 237 8.07 -9.35 -4.74
C PHE A 237 9.44 -9.36 -5.43
N ALA A 238 9.85 -8.21 -5.95
CA ALA A 238 11.12 -8.12 -6.68
C ALA A 238 12.29 -8.50 -5.77
N TRP A 239 12.32 -7.88 -4.60
CA TRP A 239 13.38 -8.13 -3.64
C TRP A 239 13.38 -9.56 -3.10
N GLU A 240 12.20 -10.14 -2.89
CA GLU A 240 12.12 -11.51 -2.37
C GLU A 240 12.58 -12.53 -3.39
N GLN A 241 12.36 -12.23 -4.68
CA GLN A 241 12.74 -13.17 -5.74
C GLN A 241 14.17 -12.95 -6.23
N GLY A 242 14.62 -11.71 -6.18
CA GLY A 242 15.91 -11.38 -6.78
C GLY A 242 17.02 -10.91 -5.86
N CYS A 243 16.74 -10.72 -4.58
CA CYS A 243 17.73 -10.10 -3.70
C CYS A 243 17.80 -10.70 -2.31
N LYS A 244 16.77 -10.44 -1.49
CA LYS A 244 16.64 -11.05 -0.16
C LYS A 244 17.75 -10.65 0.82
N LYS A 245 18.51 -9.62 0.47
CA LYS A 245 19.58 -9.18 1.36
C LYS A 245 19.23 -7.83 2.00
N ASP A 246 19.76 -7.58 3.20
CA ASP A 246 19.62 -6.29 3.87
C ASP A 246 20.40 -5.19 3.15
N ALA A 247 21.45 -5.58 2.45
CA ALA A 247 22.29 -4.64 1.70
C ALA A 247 22.24 -4.96 0.22
N PHE A 248 22.03 -3.93 -0.59
CA PHE A 248 21.90 -4.11 -2.03
C PHE A 248 21.88 -2.72 -2.63
N SER A 249 21.83 -2.63 -3.96
CA SER A 249 21.84 -1.34 -4.59
C SER A 249 20.46 -0.95 -5.08
N LEU A 250 20.11 0.33 -4.88
CA LEU A 250 18.77 0.81 -5.18
C LEU A 250 18.46 0.80 -6.68
N ALA A 251 19.46 1.17 -7.50
CA ALA A 251 19.25 1.27 -8.95
C ALA A 251 18.81 -0.06 -9.54
N GLU A 252 19.51 -1.12 -9.16
CA GLU A 252 19.17 -2.48 -9.60
C GLU A 252 17.74 -2.89 -9.16
N GLY A 253 17.38 -2.59 -7.91
CA GLY A 253 16.02 -2.86 -7.44
C GLY A 253 14.96 -2.11 -8.23
N LEU A 254 15.21 -0.81 -8.46
CA LEU A 254 14.30 0.01 -9.24
C LEU A 254 14.17 -0.54 -10.66
N ARG A 255 15.31 -0.81 -11.29
CA ARG A 255 15.33 -1.40 -12.62
C ARG A 255 14.54 -2.71 -12.66
N THR A 256 14.65 -3.49 -11.60
CA THR A 256 13.93 -4.77 -11.53
C THR A 256 12.42 -4.54 -11.46
N VAL A 257 11.99 -3.62 -10.61
CA VAL A 257 10.57 -3.29 -10.48
C VAL A 257 9.97 -2.76 -11.79
N LEU A 258 10.68 -1.83 -12.46
CA LEU A 258 10.19 -1.29 -13.73
C LEU A 258 10.12 -2.36 -14.81
N GLY A 259 11.07 -3.29 -14.81
CA GLY A 259 11.01 -4.43 -15.70
C GLY A 259 9.79 -5.33 -15.49
N LEU A 260 9.41 -5.50 -14.23
CA LEU A 260 8.20 -6.24 -13.89
C LEU A 260 6.95 -5.53 -14.40
N ILE A 261 6.94 -4.21 -14.23
CA ILE A 261 5.86 -3.38 -14.72
C ILE A 261 5.68 -3.55 -16.23
N GLN A 262 6.80 -3.53 -16.99
CA GLN A 262 6.73 -3.79 -18.42
C GLN A 262 6.09 -5.15 -18.70
N GLN A 263 6.27 -6.09 -17.78
CA GLN A 263 5.74 -7.43 -17.98
C GLN A 263 4.38 -7.60 -17.31
N HIS A 264 3.62 -6.51 -17.14
CA HIS A 264 2.35 -6.57 -16.38
C HIS A 264 1.38 -7.65 -16.87
N GLN A 265 1.37 -7.92 -18.17
CA GLN A 265 0.50 -8.94 -18.73
C GLN A 265 0.90 -10.36 -18.31
N HIS A 266 2.03 -10.49 -17.63
CA HIS A 266 2.49 -11.81 -17.18
C HIS A 266 2.49 -11.93 -15.67
N LEU A 267 2.08 -10.86 -14.99
CA LEU A 267 2.16 -10.77 -13.55
C LEU A 267 1.03 -11.57 -12.91
N CYS A 268 1.39 -12.46 -12.00
CA CYS A 268 0.42 -13.19 -11.19
C CYS A 268 1.10 -13.50 -9.87
N VAL A 269 0.89 -12.62 -8.91
CA VAL A 269 1.67 -12.60 -7.68
C VAL A 269 0.78 -12.72 -6.45
N PHE A 270 1.14 -13.61 -5.54
CA PHE A 270 0.43 -13.68 -4.25
C PHE A 270 1.31 -14.30 -3.17
N TRP A 271 0.84 -14.22 -1.93
CA TRP A 271 1.57 -14.78 -0.79
C TRP A 271 0.61 -15.63 0.04
N THR A 272 1.16 -16.60 0.76
CA THR A 272 0.36 -17.49 1.60
C THR A 272 0.62 -17.29 3.08
N VAL A 273 1.15 -16.12 3.43
CA VAL A 273 1.43 -15.78 4.82
C VAL A 273 0.16 -15.80 5.67
N ASN A 274 -0.92 -15.23 5.16
CA ASN A 274 -2.16 -15.16 5.94
C ASN A 274 -3.29 -16.11 5.52
N TYR A 275 -3.21 -16.61 4.29
CA TYR A 275 -4.18 -17.59 3.85
C TYR A 275 -3.51 -18.56 2.91
N GLY A 276 -4.13 -19.70 2.66
CA GLY A 276 -3.55 -20.69 1.77
C GLY A 276 -4.62 -21.52 1.09
N PHE A 277 -4.24 -22.74 0.71
CA PHE A 277 -5.12 -23.61 -0.05
C PHE A 277 -5.75 -24.70 0.82
N GLU A 278 -5.35 -24.77 2.09
CA GLU A 278 -5.71 -25.89 2.94
C GLU A 278 -7.21 -25.96 3.23
N ASP A 279 -7.87 -24.81 3.31
CA ASP A 279 -9.33 -24.81 3.45
C ASP A 279 -9.93 -24.86 2.06
N PRO A 280 -10.78 -25.88 1.81
CA PRO A 280 -11.35 -26.05 0.47
C PRO A 280 -12.04 -24.79 -0.06
N ALA A 281 -12.89 -24.16 0.74
CA ALA A 281 -13.55 -22.92 0.30
C ALA A 281 -12.57 -21.80 -0.04
N VAL A 282 -11.66 -21.53 0.89
CA VAL A 282 -10.72 -20.44 0.69
C VAL A 282 -9.77 -20.79 -0.44
N GLY A 283 -9.36 -22.06 -0.49
CA GLY A 283 -8.42 -22.51 -1.51
C GLY A 283 -9.00 -22.41 -2.91
N GLN A 284 -10.27 -22.79 -3.05
CA GLN A 284 -10.95 -22.75 -4.33
C GLN A 284 -11.14 -21.31 -4.81
N PHE A 285 -11.36 -20.40 -3.87
CA PHE A 285 -11.46 -19.00 -4.24
C PHE A 285 -10.10 -18.46 -4.69
N LEU A 286 -9.04 -18.85 -3.98
CA LEU A 286 -7.69 -18.42 -4.36
C LEU A 286 -7.36 -18.84 -5.79
N GLN A 287 -7.75 -20.06 -6.16
CA GLN A 287 -7.48 -20.58 -7.51
C GLN A 287 -8.18 -19.72 -8.54
N ARG A 288 -9.44 -19.38 -8.27
CA ARG A 288 -10.19 -18.53 -9.19
C ARG A 288 -9.57 -17.13 -9.33
N GLN A 289 -9.09 -16.58 -8.21
CA GLN A 289 -8.47 -15.25 -8.23
C GLN A 289 -7.24 -15.25 -9.13
N LEU A 290 -6.52 -16.36 -9.14
CA LEU A 290 -5.25 -16.43 -9.84
C LEU A 290 -5.44 -16.62 -11.34
N LYS A 291 -6.67 -16.93 -11.75
CA LYS A 291 -6.98 -17.11 -13.18
C LYS A 291 -7.53 -15.83 -13.85
N ARG A 292 -7.69 -14.77 -13.06
CA ARG A 292 -8.18 -13.49 -13.56
C ARG A 292 -7.18 -12.84 -14.51
N PRO A 293 -7.68 -11.97 -15.42
CA PRO A 293 -6.81 -11.29 -16.38
C PRO A 293 -5.66 -10.60 -15.68
N ARG A 294 -4.45 -10.77 -16.22
CA ARG A 294 -3.25 -10.22 -15.59
C ARG A 294 -3.04 -8.75 -15.94
N PRO A 295 -2.36 -8.00 -15.05
CA PRO A 295 -1.73 -8.44 -13.80
C PRO A 295 -2.73 -8.79 -12.71
N VAL A 296 -2.40 -9.84 -11.98
CA VAL A 296 -3.10 -10.11 -10.73
C VAL A 296 -2.02 -10.04 -9.64
N ILE A 297 -2.29 -9.26 -8.60
CA ILE A 297 -1.39 -9.11 -7.47
C ILE A 297 -2.25 -9.07 -6.21
N LEU A 298 -2.33 -10.21 -5.50
CA LEU A 298 -3.25 -10.32 -4.37
C LEU A 298 -2.66 -9.72 -3.11
N ASP A 299 -3.43 -8.86 -2.45
CA ASP A 299 -3.08 -8.33 -1.14
C ASP A 299 -2.85 -9.51 -0.18
N PRO A 300 -1.65 -9.60 0.40
CA PRO A 300 -1.31 -10.70 1.29
C PRO A 300 -2.21 -10.74 2.53
N ALA A 301 -2.91 -9.64 2.81
CA ALA A 301 -3.79 -9.53 3.97
C ALA A 301 -5.25 -9.89 3.65
N ASP A 302 -5.63 -9.83 2.38
CA ASP A 302 -7.04 -9.95 1.99
C ASP A 302 -7.06 -10.57 0.60
N PRO A 303 -7.51 -11.83 0.49
CA PRO A 303 -7.44 -12.53 -0.79
C PRO A 303 -8.44 -12.03 -1.83
N THR A 304 -9.43 -11.25 -1.39
CA THR A 304 -10.43 -10.67 -2.30
C THR A 304 -9.95 -9.39 -2.98
N TRP A 305 -8.84 -8.82 -2.51
CA TRP A 305 -8.37 -7.54 -3.05
C TRP A 305 -7.22 -7.74 -4.06
N ASP A 306 -7.54 -7.61 -5.34
CA ASP A 306 -6.55 -7.72 -6.40
C ASP A 306 -6.00 -6.33 -6.79
N LEU A 307 -4.75 -6.08 -6.43
CA LEU A 307 -4.07 -4.84 -6.77
C LEU A 307 -3.49 -4.78 -8.18
N GLY A 308 -3.50 -5.90 -8.88
CA GLY A 308 -3.22 -5.93 -10.31
C GLY A 308 -4.47 -5.51 -11.07
N ASN A 309 -5.48 -6.38 -11.00
CA ASN A 309 -6.82 -6.11 -11.53
C ASN A 309 -6.92 -5.96 -13.06
N GLY A 310 -6.12 -6.74 -13.78
CA GLY A 310 -6.29 -6.86 -15.22
C GLY A 310 -6.13 -5.57 -15.97
N ALA A 311 -7.11 -5.27 -16.83
CA ALA A 311 -7.06 -4.07 -17.67
C ALA A 311 -7.86 -2.91 -17.06
N ALA A 312 -8.37 -3.12 -15.85
CA ALA A 312 -9.07 -2.05 -15.12
C ALA A 312 -8.20 -0.81 -14.93
N TRP A 313 -6.91 -1.00 -14.69
CA TRP A 313 -6.01 0.13 -14.48
C TRP A 313 -4.97 0.23 -15.60
N HIS A 314 -4.52 1.43 -15.88
CA HIS A 314 -3.62 1.67 -17.02
C HIS A 314 -2.18 1.28 -16.75
N TRP A 315 -1.95 0.00 -16.47
CA TRP A 315 -0.60 -0.51 -16.34
C TRP A 315 0.19 -0.19 -17.60
N ASP A 316 -0.47 -0.16 -18.75
CA ASP A 316 0.21 0.12 -20.02
C ASP A 316 0.94 1.47 -20.01
N LEU A 317 0.34 2.46 -19.36
CA LEU A 317 0.95 3.78 -19.27
C LEU A 317 2.20 3.76 -18.40
N LEU A 318 2.15 2.99 -17.32
CA LEU A 318 3.32 2.80 -16.48
C LEU A 318 4.40 2.07 -17.26
N ALA A 319 4.00 1.06 -18.01
CA ALA A 319 4.94 0.23 -18.77
C ALA A 319 5.63 1.07 -19.85
N GLN A 320 4.85 1.90 -20.52
CA GLN A 320 5.35 2.77 -21.59
C GLN A 320 6.46 3.69 -21.07
N GLU A 321 6.27 4.20 -19.87
CA GLU A 321 7.24 5.12 -19.28
C GLU A 321 8.47 4.35 -18.80
N ALA A 322 8.21 3.17 -18.22
CA ALA A 322 9.29 2.33 -17.72
C ALA A 322 10.23 1.93 -18.85
N ALA A 323 9.64 1.55 -19.98
CA ALA A 323 10.41 0.99 -21.09
C ALA A 323 11.43 1.96 -21.67
N SER A 324 11.07 3.24 -21.71
CA SER A 324 11.92 4.23 -22.37
C SER A 324 12.78 5.02 -21.39
N CYS A 325 12.64 4.75 -20.09
CA CYS A 325 13.32 5.58 -19.10
C CYS A 325 14.70 5.08 -18.69
N TYR A 326 15.17 3.98 -19.27
CA TYR A 326 16.46 3.43 -18.88
C TYR A 326 17.65 4.27 -19.36
N ASP A 327 17.45 5.09 -20.39
CA ASP A 327 18.50 6.00 -20.85
C ASP A 327 18.64 7.22 -19.94
N HIS A 328 19.09 7.01 -18.71
CA HIS A 328 19.22 8.08 -17.73
C HIS A 328 20.32 7.72 -16.72
N PRO A 329 20.95 8.74 -16.13
CA PRO A 329 21.99 8.55 -15.10
C PRO A 329 21.59 7.61 -13.95
N CYS A 330 20.33 7.58 -13.51
CA CYS A 330 19.97 6.71 -12.39
C CYS A 330 20.09 5.22 -12.72
N PHE A 331 20.20 4.90 -14.01
CA PHE A 331 20.33 3.51 -14.45
C PHE A 331 21.69 3.24 -15.06
N LEU A 332 22.67 4.06 -14.67
CA LEU A 332 24.01 3.96 -15.22
C LEU A 332 25.07 4.01 -14.12
N ARG A 333 26.04 3.11 -14.21
CA ARG A 333 27.19 3.13 -13.31
C ARG A 333 28.45 3.29 -14.15
N GLY A 334 29.51 3.80 -13.54
CA GLY A 334 30.81 3.88 -14.19
C GLY A 334 30.73 4.66 -15.48
N MET A 335 31.40 4.16 -16.50
CA MET A 335 31.38 4.79 -17.81
C MET A 335 30.22 4.26 -18.62
N GLY A 336 29.01 4.66 -18.24
CA GLY A 336 27.81 4.30 -18.97
C GLY A 336 27.46 2.82 -19.05
N ASP A 337 27.82 2.04 -18.04
CA ASP A 337 27.35 0.65 -17.95
C ASP A 337 25.93 0.66 -17.39
N PRO A 338 24.97 0.17 -18.17
CA PRO A 338 23.57 0.11 -17.71
C PRO A 338 23.40 -0.84 -16.54
N VAL A 339 22.72 -0.40 -15.50
CA VAL A 339 22.43 -1.30 -14.37
C VAL A 339 21.52 -2.45 -14.83
N GLN A 340 21.74 -3.62 -14.26
CA GLN A 340 20.98 -4.80 -14.67
C GLN A 340 19.89 -5.13 -13.67
N SER A 341 18.74 -5.56 -14.20
CA SER A 341 17.65 -6.05 -13.36
C SER A 341 18.13 -7.28 -12.59
N TRP A 342 17.65 -7.47 -11.36
CA TRP A 342 17.96 -8.68 -10.60
C TRP A 342 17.43 -9.90 -11.34
N LYS A 343 18.05 -11.05 -11.11
CA LYS A 343 17.57 -12.30 -11.68
C LYS A 343 17.09 -13.25 -10.58
N GLY A 344 16.14 -14.11 -10.92
CA GLY A 344 15.55 -15.03 -9.98
C GLY A 344 14.24 -15.59 -10.50
N PRO A 345 13.68 -16.59 -9.80
CA PRO A 345 12.51 -17.38 -10.23
C PRO A 345 11.35 -16.57 -10.84
N GLY A 346 10.94 -15.51 -10.19
CA GLY A 346 9.81 -14.74 -10.71
C GLY A 346 10.09 -13.57 -11.65
N LEU A 347 11.33 -13.44 -12.08
CA LEU A 347 11.79 -12.19 -12.69
C LEU A 347 12.16 -12.38 -14.17
N PRO A 348 12.17 -11.27 -14.96
CA PRO A 348 12.40 -11.43 -16.40
C PRO A 348 13.63 -12.28 -16.73
N ARG A 349 13.48 -13.24 -17.66
CA ARG A 349 14.55 -14.15 -18.04
C ARG A 349 14.93 -13.92 -19.49
N ALA A 350 16.20 -14.13 -19.80
CA ALA A 350 16.75 -13.82 -21.11
C ALA A 350 16.01 -14.51 -22.25
N GLY A 351 15.96 -15.84 -22.21
CA GLY A 351 15.32 -16.60 -23.27
C GLY A 351 13.80 -16.57 -23.24
N CYS A 352 13.23 -16.54 -22.02
CA CYS A 352 11.79 -16.63 -21.85
C CYS A 352 11.03 -15.31 -22.04
N SER A 353 9.84 -15.42 -22.62
CA SER A 353 8.94 -14.27 -22.79
C SER A 353 8.02 -14.10 -21.59
N GLY A 354 7.69 -15.22 -20.94
CA GLY A 354 6.84 -15.20 -19.76
C GLY A 354 7.65 -15.06 -18.49
N LEU A 355 6.97 -15.07 -17.35
CA LEU A 355 7.68 -14.99 -16.08
C LEU A 355 7.51 -16.28 -15.27
N GLY A 356 6.69 -17.20 -15.79
CA GLY A 356 6.35 -18.40 -15.06
C GLY A 356 5.46 -18.17 -13.85
N HIS A 357 4.74 -17.05 -13.82
CA HIS A 357 3.81 -16.75 -12.72
C HIS A 357 2.51 -17.56 -12.77
N PRO A 358 1.92 -17.87 -11.58
CA PRO A 358 2.50 -17.55 -10.28
C PRO A 358 3.62 -18.54 -9.96
N ILE A 359 4.72 -18.04 -9.39
CA ILE A 359 5.89 -18.87 -9.15
C ILE A 359 5.59 -20.11 -8.26
N GLN A 360 4.63 -19.98 -7.35
CA GLN A 360 4.25 -21.07 -6.46
C GLN A 360 3.64 -22.28 -7.17
N LEU A 361 3.02 -22.03 -8.32
CA LEU A 361 2.27 -23.07 -9.02
C LEU A 361 3.02 -23.56 -10.25
#